data_4G6I
#
_entry.id   4G6I
#
_cell.length_a   68.040
_cell.length_b   92.570
_cell.length_c   102.580
_cell.angle_alpha   90.00
_cell.angle_beta   90.00
_cell.angle_gamma   90.00
#
_symmetry.space_group_name_H-M   'P 21 21 21'
#
loop_
_entity.id
_entity.type
_entity.pdbx_description
1 polymer 'Riboflavin synthase subunit alpha'
2 non-polymer 1-deoxy-1-[8-(dimethylamino)-7-methyl-2,4-dioxo-3,4-dihydrobenzo[g]pteridin-10(2H)-yl]-D-ribitol
3 water water
#
_entity_poly.entity_id   1
_entity_poly.type   'polypeptide(L)'
_entity_poly.pdbx_seq_one_letter_code
;MFTGIITDIGKVDRVKPLNEGVLLRIETAYDPETIELGASIACSGVCLTVVALPEKGSNARWFEVEAWEEALRLTTISSW
QSGRKINLERSLKLGDEMGGHLVFGHVDGQAEIVERKDEGDAVRFTLRAPEELAPFIAQKGSVALDGTSLTVNGVNANEF
DVLLIRHSLEVTTWGERKAGDKVNIEIDQLARYAARLAQYQKLEHHHHHH
;
_entity_poly.pdbx_strand_id   A,B,C
#
# COMPACT_ATOMS: atom_id res chain seq x y z
N MET A 1 4.54 3.81 -4.96
CA MET A 1 5.61 3.66 -3.93
C MET A 1 6.84 2.92 -4.47
N PHE A 2 7.97 3.12 -3.80
CA PHE A 2 9.27 2.68 -4.29
C PHE A 2 10.15 2.19 -3.13
N THR A 3 11.31 1.65 -3.46
CA THR A 3 12.25 1.15 -2.45
C THR A 3 13.57 1.94 -2.46
N GLY A 4 13.74 2.77 -3.47
CA GLY A 4 14.98 3.52 -3.63
C GLY A 4 16.10 2.69 -4.22
N ILE A 5 15.73 1.56 -4.83
CA ILE A 5 16.68 0.75 -5.59
C ILE A 5 16.53 1.12 -7.05
N ILE A 6 17.49 1.88 -7.56
CA ILE A 6 17.45 2.40 -8.92
C ILE A 6 17.70 1.26 -9.92
N THR A 7 16.88 1.19 -10.96
CA THR A 7 16.97 0.11 -11.95
C THR A 7 17.37 0.58 -13.35
N ASP A 8 17.37 1.89 -13.57
CA ASP A 8 17.75 2.46 -14.86
C ASP A 8 18.26 3.90 -14.74
N ILE A 9 19.21 4.25 -15.59
CA ILE A 9 19.60 5.65 -15.75
C ILE A 9 18.93 6.21 -16.99
N GLY A 10 17.88 7.00 -16.78
CA GLY A 10 17.16 7.64 -17.86
C GLY A 10 17.91 8.88 -18.33
N LYS A 11 17.56 9.34 -19.52
CA LYS A 11 18.12 10.58 -20.04
C LYS A 11 17.00 11.47 -20.54
N VAL A 12 17.02 12.73 -20.10
CA VAL A 12 16.07 13.72 -20.60
C VAL A 12 16.41 14.01 -22.06
N ASP A 13 15.47 13.71 -22.95
CA ASP A 13 15.69 13.79 -24.38
C ASP A 13 15.08 15.06 -24.97
N ARG A 14 13.99 15.53 -24.37
CA ARG A 14 13.24 16.67 -24.90
C ARG A 14 12.57 17.44 -23.75
N VAL A 15 12.75 18.75 -23.76
CA VAL A 15 12.09 19.63 -22.79
C VAL A 15 11.20 20.61 -23.56
N LYS A 16 9.92 20.65 -23.20
CA LYS A 16 8.97 21.56 -23.82
C LYS A 16 8.24 22.40 -22.77
N PRO A 17 8.06 23.71 -23.05
CA PRO A 17 7.41 24.60 -22.10
C PRO A 17 5.88 24.40 -22.03
N LEU A 18 5.37 24.28 -20.80
CA LEU A 18 3.94 24.19 -20.54
C LEU A 18 3.48 25.41 -19.74
N ASN A 19 2.17 25.53 -19.52
CA ASN A 19 1.61 26.63 -18.73
C ASN A 19 1.95 26.46 -17.25
N GLU A 20 3.00 27.17 -16.82
CA GLU A 20 3.59 27.04 -15.47
C GLU A 20 4.07 25.62 -15.17
N GLY A 21 4.59 24.96 -16.20
CA GLY A 21 5.14 23.62 -16.08
C GLY A 21 6.05 23.29 -17.25
N VAL A 22 6.58 22.06 -17.25
CA VAL A 22 7.41 21.57 -18.35
C VAL A 22 7.05 20.13 -18.74
N LEU A 23 7.10 19.85 -20.04
CA LEU A 23 6.95 18.49 -20.53
C LEU A 23 8.32 17.87 -20.70
N LEU A 24 8.54 16.74 -20.03
CA LEU A 24 9.79 16.02 -20.10
C LEU A 24 9.62 14.71 -20.84
N ARG A 25 10.39 14.54 -21.91
CA ARG A 25 10.49 13.23 -22.57
C ARG A 25 11.78 12.57 -22.08
N ILE A 26 11.62 11.42 -21.42
CA ILE A 26 12.73 10.72 -20.79
C ILE A 26 13.00 9.39 -21.50
N GLU A 27 14.19 9.28 -22.09
CA GLU A 27 14.65 8.04 -22.70
C GLU A 27 14.97 7.03 -21.61
N THR A 28 14.56 5.78 -21.83
CA THR A 28 14.74 4.73 -20.83
C THR A 28 15.02 3.35 -21.44
N ALA A 29 15.55 2.44 -20.63
CA ALA A 29 15.73 1.05 -21.02
C ALA A 29 14.44 0.24 -20.80
N TYR A 30 13.50 0.82 -20.08
CA TYR A 30 12.21 0.17 -19.80
C TYR A 30 11.42 -0.06 -21.08
N ASP A 31 10.77 -1.21 -21.17
CA ASP A 31 9.85 -1.51 -22.26
C ASP A 31 8.56 -0.69 -22.07
N PRO A 32 8.25 0.19 -23.04
CA PRO A 32 7.02 1.00 -22.97
C PRO A 32 5.75 0.15 -22.97
N GLU A 33 5.86 -1.09 -23.41
CA GLU A 33 4.74 -2.04 -23.40
C GLU A 33 4.48 -2.61 -22.00
N THR A 34 5.31 -2.21 -21.03
CA THR A 34 5.12 -2.59 -19.62
C THR A 34 4.68 -1.38 -18.78
N ILE A 35 4.58 -0.22 -19.42
CA ILE A 35 4.17 1.02 -18.77
C ILE A 35 2.75 1.39 -19.20
N GLU A 36 1.91 1.73 -18.22
CA GLU A 36 0.56 2.21 -18.49
C GLU A 36 0.52 3.73 -18.40
N LEU A 37 -0.38 4.36 -19.18
CA LEU A 37 -0.65 5.78 -19.00
C LEU A 37 -1.19 6.02 -17.60
N GLY A 38 -0.66 7.03 -16.93
CA GLY A 38 -1.04 7.33 -15.55
C GLY A 38 -0.17 6.65 -14.51
N ALA A 39 0.78 5.83 -14.96
CA ALA A 39 1.71 5.14 -14.07
C ALA A 39 2.68 6.09 -13.39
N SER A 40 3.12 5.70 -12.19
CA SER A 40 4.08 6.46 -11.42
C SER A 40 5.49 5.94 -11.64
N ILE A 41 6.39 6.83 -12.06
CA ILE A 41 7.81 6.50 -12.16
C ILE A 41 8.62 7.54 -11.37
N ALA A 42 9.51 7.06 -10.51
CA ALA A 42 10.37 7.93 -9.73
C ALA A 42 11.54 8.40 -10.60
N CYS A 43 11.66 9.71 -10.72
CA CYS A 43 12.67 10.33 -11.57
C CYS A 43 13.64 11.15 -10.70
N SER A 44 14.80 10.56 -10.44
CA SER A 44 15.75 11.05 -9.44
C SER A 44 15.03 11.40 -8.13
N GLY A 45 14.15 10.49 -7.71
CA GLY A 45 13.42 10.66 -6.45
C GLY A 45 12.06 11.33 -6.56
N VAL A 46 11.80 12.01 -7.66
CA VAL A 46 10.53 12.71 -7.84
C VAL A 46 9.52 11.77 -8.52
N CYS A 47 8.41 11.49 -7.84
CA CYS A 47 7.35 10.72 -8.45
C CYS A 47 6.63 11.58 -9.48
N LEU A 48 6.59 11.09 -10.71
CA LEU A 48 5.96 11.78 -11.83
C LEU A 48 5.01 10.83 -12.54
N THR A 49 3.97 11.38 -13.16
CA THR A 49 2.92 10.58 -13.80
C THR A 49 3.09 10.54 -15.32
N VAL A 50 3.09 9.33 -15.87
CA VAL A 50 3.23 9.13 -17.32
C VAL A 50 1.97 9.64 -18.05
N VAL A 51 2.19 10.52 -19.02
CA VAL A 51 1.08 11.13 -19.77
C VAL A 51 1.09 10.73 -21.24
N ALA A 52 2.25 10.26 -21.72
CA ALA A 52 2.42 9.84 -23.11
C ALA A 52 3.51 8.79 -23.25
N LEU A 53 3.29 7.86 -24.18
CA LEU A 53 4.23 6.78 -24.47
C LEU A 53 4.38 6.67 -25.99
N PRO A 54 5.43 5.97 -26.46
CA PRO A 54 5.59 5.81 -27.91
C PRO A 54 4.45 4.98 -28.51
N GLU A 55 4.12 5.25 -29.77
CA GLU A 55 3.10 4.49 -30.49
C GLU A 55 3.49 3.02 -30.54
N LYS A 56 2.49 2.14 -30.46
CA LYS A 56 2.70 0.69 -30.33
C LYS A 56 3.69 0.07 -31.34
N GLY A 57 3.79 0.69 -32.52
CA GLY A 57 4.67 0.20 -33.58
C GLY A 57 6.05 0.84 -33.61
N SER A 58 6.37 1.63 -32.58
CA SER A 58 7.65 2.31 -32.48
C SER A 58 8.70 1.45 -31.78
N ASN A 59 9.96 1.59 -32.21
CA ASN A 59 11.09 0.90 -31.61
C ASN A 59 11.71 1.73 -30.48
N ALA A 60 11.42 3.03 -30.49
CA ALA A 60 11.98 3.97 -29.51
C ALA A 60 11.43 3.73 -28.10
N ARG A 61 12.30 3.87 -27.11
CA ARG A 61 11.90 3.68 -25.71
C ARG A 61 12.03 4.96 -24.90
N TRP A 62 10.88 5.54 -24.58
CA TRP A 62 10.80 6.74 -23.76
C TRP A 62 9.45 6.85 -23.11
N PHE A 63 9.34 7.74 -22.13
CA PHE A 63 8.04 8.10 -21.56
C PHE A 63 7.99 9.59 -21.30
N GLU A 64 6.79 10.16 -21.34
CA GLU A 64 6.61 11.59 -21.09
C GLU A 64 5.88 11.87 -19.79
N VAL A 65 6.39 12.85 -19.05
CA VAL A 65 5.80 13.30 -17.80
C VAL A 65 5.68 14.82 -17.81
N GLU A 66 4.78 15.34 -16.98
CA GLU A 66 4.57 16.77 -16.87
C GLU A 66 4.86 17.24 -15.46
N ALA A 67 5.90 18.05 -15.31
CA ALA A 67 6.30 18.61 -14.01
C ALA A 67 5.69 19.99 -13.81
N TRP A 68 4.95 20.16 -12.70
CA TRP A 68 4.26 21.42 -12.42
C TRP A 68 4.94 22.21 -11.33
N GLU A 69 4.32 23.30 -10.89
CA GLU A 69 4.99 24.30 -10.04
C GLU A 69 5.65 23.75 -8.76
N GLU A 70 4.97 22.85 -8.05
CA GLU A 70 5.49 22.31 -6.79
C GLU A 70 6.77 21.49 -6.99
N ALA A 71 6.75 20.59 -7.97
CA ALA A 71 7.91 19.78 -8.32
C ALA A 71 9.04 20.66 -8.87
N LEU A 72 8.68 21.63 -9.72
CA LEU A 72 9.67 22.54 -10.31
C LEU A 72 10.39 23.38 -9.27
N ARG A 73 9.64 23.94 -8.32
CA ARG A 73 10.21 24.85 -7.33
C ARG A 73 11.02 24.15 -6.24
N LEU A 74 10.55 22.97 -5.82
CA LEU A 74 11.17 22.28 -4.69
C LEU A 74 12.30 21.33 -5.10
N THR A 75 12.18 20.70 -6.27
CA THR A 75 13.14 19.68 -6.69
C THR A 75 14.12 20.18 -7.75
N THR A 76 15.10 19.33 -8.09
CA THR A 76 16.13 19.67 -9.07
C THR A 76 15.61 19.80 -10.51
N ILE A 77 14.35 19.39 -10.74
CA ILE A 77 13.75 19.41 -12.09
C ILE A 77 13.85 20.77 -12.79
N SER A 78 13.86 21.85 -12.00
CA SER A 78 14.00 23.20 -12.54
C SER A 78 15.27 23.38 -13.39
N SER A 79 16.31 22.61 -13.09
CA SER A 79 17.60 22.70 -13.80
C SER A 79 17.79 21.66 -14.91
N TRP A 80 16.86 20.72 -15.03
CA TRP A 80 16.96 19.64 -16.01
C TRP A 80 16.85 20.15 -17.42
N GLN A 81 17.88 19.86 -18.21
CA GLN A 81 17.90 20.22 -19.64
C GLN A 81 18.07 18.95 -20.46
N SER A 82 17.93 19.08 -21.79
CA SER A 82 18.20 17.97 -22.69
C SER A 82 19.60 17.41 -22.43
N GLY A 83 19.67 16.09 -22.26
CA GLY A 83 20.94 15.41 -21.99
C GLY A 83 21.13 14.99 -20.55
N ARG A 84 20.36 15.58 -19.65
CA ARG A 84 20.44 15.29 -18.21
C ARG A 84 20.16 13.82 -17.92
N LYS A 85 21.06 13.18 -17.18
CA LYS A 85 20.86 11.80 -16.77
C LYS A 85 20.19 11.74 -15.40
N ILE A 86 19.18 10.88 -15.28
CA ILE A 86 18.39 10.79 -14.05
C ILE A 86 18.21 9.34 -13.60
N ASN A 87 18.06 9.16 -12.29
CA ASN A 87 17.77 7.85 -11.73
C ASN A 87 16.31 7.48 -11.94
N LEU A 88 16.06 6.25 -12.34
CA LEU A 88 14.70 5.78 -12.56
C LEU A 88 14.37 4.54 -11.75
N GLU A 89 13.14 4.50 -11.24
CA GLU A 89 12.63 3.33 -10.55
C GLU A 89 11.14 3.19 -10.85
N ARG A 90 10.73 1.96 -11.18
CA ARG A 90 9.31 1.65 -11.38
C ARG A 90 8.63 1.48 -10.03
N SER A 91 7.31 1.62 -10.02
CA SER A 91 6.52 1.49 -8.79
CA SER A 91 6.52 1.49 -8.79
C SER A 91 6.49 0.06 -8.29
N LEU A 92 6.45 -0.09 -6.96
CA LEU A 92 6.27 -1.39 -6.33
C LEU A 92 4.92 -1.94 -6.75
N LYS A 93 4.85 -3.26 -6.92
CA LYS A 93 3.61 -3.94 -7.27
C LYS A 93 3.10 -4.70 -6.06
N LEU A 94 1.77 -4.84 -5.96
CA LEU A 94 1.18 -5.65 -4.90
C LEU A 94 1.71 -7.07 -4.99
N GLY A 95 2.30 -7.54 -3.88
CA GLY A 95 3.01 -8.82 -3.86
C GLY A 95 4.48 -8.64 -3.56
N ASP A 96 5.04 -7.51 -3.99
CA ASP A 96 6.44 -7.18 -3.72
C ASP A 96 6.67 -6.89 -2.24
N GLU A 97 7.84 -7.26 -1.74
CA GLU A 97 8.25 -6.93 -0.38
C GLU A 97 8.49 -5.43 -0.25
N MET A 98 8.16 -4.89 0.91
CA MET A 98 8.33 -3.46 1.15
C MET A 98 9.79 -3.11 1.47
N GLY A 99 10.53 -4.08 2.01
CA GLY A 99 11.94 -3.89 2.34
C GLY A 99 12.17 -3.02 3.56
N GLY A 100 13.41 -2.55 3.71
CA GLY A 100 13.80 -1.78 4.89
C GLY A 100 13.60 -0.27 4.82
N HIS A 101 13.31 0.24 3.63
CA HIS A 101 13.08 1.67 3.45
C HIS A 101 12.17 2.00 2.30
N LEU A 102 10.96 2.43 2.62
CA LEU A 102 9.99 2.85 1.62
C LEU A 102 10.26 4.27 1.14
N VAL A 103 10.18 4.45 -0.18
CA VAL A 103 10.35 5.75 -0.81
C VAL A 103 9.07 6.05 -1.58
N PHE A 104 8.50 7.22 -1.37
CA PHE A 104 7.20 7.54 -1.96
C PHE A 104 7.28 8.50 -3.14
N GLY A 105 8.39 9.20 -3.27
CA GLY A 105 8.58 10.11 -4.39
C GLY A 105 8.02 11.49 -4.16
N HIS A 106 7.54 11.76 -2.95
CA HIS A 106 7.28 13.15 -2.54
C HIS A 106 8.49 13.72 -1.87
N VAL A 107 9.28 14.43 -2.67
CA VAL A 107 10.57 14.98 -2.26
C VAL A 107 10.36 16.14 -1.29
N ASP A 108 11.13 16.14 -0.20
CA ASP A 108 11.02 17.16 0.84
C ASP A 108 11.75 18.45 0.47
N GLY A 109 12.79 18.32 -0.33
CA GLY A 109 13.58 19.46 -0.77
C GLY A 109 14.88 19.03 -1.40
N GLN A 110 15.93 19.80 -1.16
CA GLN A 110 17.22 19.52 -1.78
C GLN A 110 18.37 19.58 -0.79
N ALA A 111 19.36 18.72 -1.02
CA ALA A 111 20.62 18.76 -0.30
C ALA A 111 21.74 19.09 -1.28
N GLU A 112 22.78 19.75 -0.79
CA GLU A 112 23.94 20.06 -1.63
C GLU A 112 25.12 19.18 -1.24
N ILE A 113 25.73 18.55 -2.24
CA ILE A 113 27.00 17.86 -2.04
C ILE A 113 28.07 18.92 -1.85
N VAL A 114 28.72 18.91 -0.69
CA VAL A 114 29.76 19.90 -0.39
C VAL A 114 31.18 19.31 -0.51
N GLU A 115 31.27 17.98 -0.46
CA GLU A 115 32.55 17.29 -0.61
C GLU A 115 32.39 15.89 -1.19
N ARG A 116 33.36 15.49 -2.03
CA ARG A 116 33.41 14.17 -2.63
C ARG A 116 34.81 13.59 -2.43
N LYS A 117 34.90 12.45 -1.76
CA LYS A 117 36.19 11.79 -1.49
C LYS A 117 36.16 10.30 -1.79
N ASP A 118 37.17 9.82 -2.50
CA ASP A 118 37.32 8.40 -2.80
C ASP A 118 37.73 7.59 -1.57
N GLU A 119 37.12 6.41 -1.41
CA GLU A 119 37.47 5.48 -0.35
C GLU A 119 37.55 4.06 -0.92
N GLY A 120 38.70 3.74 -1.51
CA GLY A 120 38.87 2.49 -2.25
C GLY A 120 38.18 2.58 -3.60
N ASP A 121 37.27 1.66 -3.86
CA ASP A 121 36.44 1.71 -5.07
C ASP A 121 35.08 2.34 -4.78
N ALA A 122 34.89 2.79 -3.54
CA ALA A 122 33.70 3.50 -3.12
C ALA A 122 33.98 5.00 -3.00
N VAL A 123 32.92 5.80 -2.94
CA VAL A 123 33.05 7.26 -2.81
C VAL A 123 32.18 7.79 -1.67
N ARG A 124 32.79 8.59 -0.80
CA ARG A 124 32.10 9.24 0.30
C ARG A 124 31.64 10.65 -0.09
N PHE A 125 30.33 10.87 -0.02
CA PHE A 125 29.76 12.18 -0.31
C PHE A 125 29.34 12.88 0.98
N THR A 126 29.82 14.10 1.15
CA THR A 126 29.41 14.94 2.28
C THR A 126 28.36 15.93 1.77
N LEU A 127 27.24 16.00 2.45
CA LEU A 127 26.13 16.85 2.05
C LEU A 127 25.66 17.80 3.15
N ARG A 128 25.10 18.92 2.74
CA ARG A 128 24.43 19.84 3.65
C ARG A 128 22.95 19.89 3.30
N ALA A 129 22.10 20.03 4.33
CA ALA A 129 20.65 20.08 4.14
C ALA A 129 20.08 21.34 4.80
N PRO A 130 18.83 21.72 4.45
CA PRO A 130 18.18 22.81 5.17
C PRO A 130 17.95 22.46 6.64
N GLU A 131 17.91 23.47 7.50
CA GLU A 131 17.75 23.30 8.95
C GLU A 131 16.50 22.47 9.31
N GLU A 132 15.43 22.67 8.54
CA GLU A 132 14.16 21.98 8.76
C GLU A 132 14.27 20.47 8.60
N LEU A 133 15.17 20.02 7.73
CA LEU A 133 15.34 18.60 7.46
C LEU A 133 16.34 17.91 8.41
N ALA A 134 17.16 18.71 9.08
CA ALA A 134 18.20 18.20 9.99
C ALA A 134 17.70 17.24 11.09
N PRO A 135 16.56 17.56 11.76
CA PRO A 135 16.03 16.62 12.76
C PRO A 135 15.72 15.23 12.23
N PHE A 136 15.53 15.11 10.91
CA PHE A 136 15.18 13.84 10.28
C PHE A 136 16.38 13.07 9.76
N ILE A 137 17.51 13.76 9.63
CA ILE A 137 18.76 13.12 9.22
C ILE A 137 19.49 12.64 10.47
N ALA A 138 19.39 11.34 10.72
CA ALA A 138 19.93 10.74 11.93
C ALA A 138 20.94 9.64 11.60
N GLN A 139 21.83 9.37 12.55
CA GLN A 139 22.85 8.33 12.43
C GLN A 139 22.22 6.97 12.15
N LYS A 140 22.79 6.25 11.18
CA LYS A 140 22.34 4.91 10.78
C LYS A 140 20.95 4.86 10.13
N GLY A 141 20.32 6.03 9.99
CA GLY A 141 19.00 6.13 9.35
C GLY A 141 19.06 6.05 7.85
N SER A 142 17.94 5.68 7.23
CA SER A 142 17.85 5.60 5.78
C SER A 142 17.22 6.85 5.19
N VAL A 143 17.76 7.31 4.06
CA VAL A 143 17.25 8.50 3.37
C VAL A 143 17.34 8.28 1.85
N ALA A 144 16.42 8.90 1.12
CA ALA A 144 16.43 8.84 -0.34
C ALA A 144 17.06 10.11 -0.91
N LEU A 145 18.21 9.95 -1.55
CA LEU A 145 18.89 11.07 -2.21
C LEU A 145 18.94 10.78 -3.71
N ASP A 146 18.34 11.68 -4.50
CA ASP A 146 18.12 11.45 -5.94
C ASP A 146 17.41 10.10 -6.19
N GLY A 147 16.46 9.78 -5.32
CA GLY A 147 15.71 8.54 -5.42
C GLY A 147 16.47 7.29 -5.02
N THR A 148 17.72 7.47 -4.60
CA THR A 148 18.56 6.36 -4.18
C THR A 148 18.50 6.20 -2.67
N SER A 149 18.07 5.03 -2.20
CA SER A 149 18.04 4.73 -0.77
C SER A 149 19.47 4.57 -0.26
N LEU A 150 19.81 5.39 0.73
CA LEU A 150 21.16 5.46 1.27
C LEU A 150 21.16 5.59 2.79
N THR A 151 22.14 4.96 3.43
CA THR A 151 22.28 5.04 4.88
C THR A 151 23.13 6.26 5.25
N VAL A 152 22.65 7.03 6.23
CA VAL A 152 23.41 8.17 6.76
C VAL A 152 24.57 7.63 7.58
N ASN A 153 25.79 7.87 7.07
CA ASN A 153 27.03 7.30 7.63
C ASN A 153 27.54 8.09 8.84
N GLY A 154 27.74 9.39 8.64
CA GLY A 154 28.15 10.30 9.71
C GLY A 154 27.32 11.56 9.65
N VAL A 155 27.22 12.28 10.77
CA VAL A 155 26.45 13.52 10.82
C VAL A 155 27.11 14.56 11.74
N ASN A 156 27.24 15.77 11.21
CA ASN A 156 27.81 16.89 11.95
C ASN A 156 26.99 18.15 11.69
N ALA A 157 26.14 18.50 12.66
CA ALA A 157 25.22 19.64 12.56
C ALA A 157 24.23 19.50 11.40
N ASN A 158 24.39 20.33 10.37
CA ASN A 158 23.57 20.26 9.17
C ASN A 158 24.25 19.48 8.04
N GLU A 159 25.48 19.05 8.30
CA GLU A 159 26.24 18.21 7.36
C GLU A 159 26.10 16.74 7.71
N PHE A 160 26.05 15.89 6.67
CA PHE A 160 26.01 14.44 6.84
C PHE A 160 26.75 13.72 5.72
N ASP A 161 27.07 12.45 5.97
CA ASP A 161 27.81 11.63 5.01
C ASP A 161 27.00 10.43 4.53
N VAL A 162 27.17 10.10 3.25
CA VAL A 162 26.71 8.82 2.69
C VAL A 162 27.87 8.16 1.96
N LEU A 163 27.96 6.85 2.09
CA LEU A 163 29.02 6.07 1.44
C LEU A 163 28.41 5.28 0.28
N LEU A 164 28.80 5.63 -0.94
CA LEU A 164 28.29 4.96 -2.12
C LEU A 164 29.26 3.91 -2.64
N ILE A 165 28.81 2.66 -2.65
CA ILE A 165 29.63 1.53 -3.10
C ILE A 165 29.81 1.53 -4.61
N ARG A 166 30.84 0.83 -5.08
CA ARG A 166 31.20 0.77 -6.50
C ARG A 166 30.02 0.44 -7.40
N HIS A 167 29.22 -0.56 -7.02
CA HIS A 167 28.05 -0.97 -7.79
C HIS A 167 27.04 0.15 -7.92
N SER A 168 26.75 0.82 -6.81
CA SER A 168 25.80 1.93 -6.79
C SER A 168 26.26 3.10 -7.67
N LEU A 169 27.57 3.32 -7.72
CA LEU A 169 28.16 4.37 -8.55
C LEU A 169 28.01 4.08 -10.04
N GLU A 170 28.02 2.79 -10.39
CA GLU A 170 27.94 2.35 -11.79
C GLU A 170 26.51 2.41 -12.34
N VAL A 171 25.54 2.00 -11.53
CA VAL A 171 24.15 1.85 -12.00
C VAL A 171 23.24 3.05 -11.69
N THR A 172 23.78 4.06 -11.01
CA THR A 172 23.05 5.29 -10.75
C THR A 172 23.82 6.51 -11.26
N THR A 173 23.19 7.68 -11.18
CA THR A 173 23.82 8.94 -11.58
C THR A 173 24.85 9.45 -10.57
N TRP A 174 25.04 8.71 -9.48
CA TRP A 174 25.96 9.12 -8.41
C TRP A 174 27.41 9.16 -8.80
N GLY A 175 27.78 8.34 -9.79
CA GLY A 175 29.14 8.30 -10.31
C GLY A 175 29.62 9.62 -10.91
N GLU A 176 28.68 10.37 -11.50
CA GLU A 176 29.01 11.66 -12.12
C GLU A 176 28.81 12.87 -11.20
N ARG A 177 28.30 12.63 -10.00
CA ARG A 177 28.04 13.71 -9.03
C ARG A 177 29.33 14.41 -8.58
N LYS A 178 29.27 15.73 -8.53
CA LYS A 178 30.43 16.55 -8.15
C LYS A 178 30.07 17.43 -6.96
N ALA A 179 31.10 17.92 -6.25
CA ALA A 179 30.92 18.92 -5.21
C ALA A 179 30.21 20.15 -5.78
N GLY A 180 29.19 20.62 -5.08
CA GLY A 180 28.39 21.75 -5.55
C GLY A 180 27.04 21.36 -6.13
N ASP A 181 26.93 20.10 -6.55
CA ASP A 181 25.68 19.57 -7.11
C ASP A 181 24.54 19.55 -6.12
N LYS A 182 23.32 19.75 -6.61
CA LYS A 182 22.13 19.60 -5.80
C LYS A 182 21.51 18.23 -6.05
N VAL A 183 21.01 17.61 -4.97
CA VAL A 183 20.29 16.35 -5.09
C VAL A 183 18.94 16.46 -4.38
N ASN A 184 17.96 15.71 -4.88
CA ASN A 184 16.66 15.63 -4.23
C ASN A 184 16.76 14.80 -2.95
N ILE A 185 16.07 15.24 -1.90
CA ILE A 185 16.05 14.50 -0.64
C ILE A 185 14.62 14.20 -0.18
N GLU A 186 14.39 12.94 0.17
CA GLU A 186 13.15 12.52 0.80
C GLU A 186 13.50 11.83 2.11
N ILE A 187 12.95 12.36 3.20
CA ILE A 187 13.13 11.79 4.54
C ILE A 187 12.24 10.56 4.72
N ASP A 188 12.48 9.81 5.78
CA ASP A 188 11.69 8.61 6.07
C ASP A 188 10.25 8.95 6.43
N GLN A 189 9.31 8.24 5.80
CA GLN A 189 7.87 8.48 5.97
C GLN A 189 7.38 8.22 7.40
N LEU A 190 7.91 7.18 8.04
CA LEU A 190 7.52 6.84 9.40
C LEU A 190 7.99 7.89 10.41
N ALA A 191 9.24 8.33 10.25
CA ALA A 191 9.81 9.40 11.07
C ALA A 191 9.04 10.71 10.88
N ARG A 192 8.63 10.97 9.64
CA ARG A 192 7.82 12.12 9.29
C ARG A 192 6.51 12.16 10.10
N TYR A 193 5.80 11.04 10.13
CA TYR A 193 4.54 10.95 10.89
C TYR A 193 4.76 11.01 12.39
N ALA A 194 5.84 10.38 12.86
CA ALA A 194 6.22 10.39 14.27
C ALA A 194 6.48 11.81 14.80
N ALA A 195 7.16 12.62 13.98
CA ALA A 195 7.47 14.01 14.32
C ALA A 195 6.22 14.90 14.35
N ARG A 196 5.32 14.70 13.37
CA ARG A 196 4.06 15.43 13.30
C ARG A 196 3.15 15.12 14.49
N LEU A 197 3.20 13.86 14.94
CA LEU A 197 2.50 13.43 16.16
C LEU A 197 3.06 14.12 17.41
N ALA A 198 4.38 14.25 17.45
CA ALA A 198 5.10 14.80 18.61
C ALA A 198 4.79 16.27 18.89
N GLN A 199 4.52 17.05 17.84
CA GLN A 199 4.16 18.46 18.00
C GLN A 199 2.71 18.68 18.49
N TYR A 200 2.02 17.58 18.76
CA TYR A 200 0.68 17.63 19.35
C TYR A 200 0.66 17.08 20.77
N MET B 1 -7.55 -3.96 -1.25
CA MET B 1 -6.91 -2.64 -0.96
C MET B 1 -6.75 -1.79 -2.23
N PHE B 2 -6.39 -0.52 -2.03
CA PHE B 2 -6.29 0.45 -3.13
C PHE B 2 -4.96 1.19 -3.05
N THR B 3 -4.70 2.05 -4.03
CA THR B 3 -3.47 2.85 -4.01
C THR B 3 -3.71 4.36 -4.21
N GLY B 4 -4.97 4.72 -4.48
CA GLY B 4 -5.34 6.13 -4.64
C GLY B 4 -5.09 6.68 -6.02
N ILE B 5 -5.00 5.80 -7.00
CA ILE B 5 -4.84 6.20 -8.40
C ILE B 5 -6.15 5.95 -9.15
N ILE B 6 -6.84 7.04 -9.48
CA ILE B 6 -8.17 6.96 -10.06
C ILE B 6 -8.12 6.51 -11.53
N THR B 7 -8.96 5.53 -11.86
CA THR B 7 -8.96 4.94 -13.20
C THR B 7 -10.27 5.17 -13.98
N ASP B 8 -11.29 5.66 -13.29
CA ASP B 8 -12.57 6.00 -13.94
C ASP B 8 -13.33 7.08 -13.18
N ILE B 9 -14.11 7.86 -13.93
CA ILE B 9 -15.09 8.77 -13.35
C ILE B 9 -16.47 8.17 -13.56
N GLY B 10 -17.07 7.73 -12.45
CA GLY B 10 -18.40 7.11 -12.49
C GLY B 10 -19.50 8.13 -12.28
N LYS B 11 -20.70 7.81 -12.76
CA LYS B 11 -21.85 8.69 -12.62
C LYS B 11 -22.94 7.99 -11.84
N VAL B 12 -23.41 8.63 -10.76
CA VAL B 12 -24.51 8.10 -9.96
C VAL B 12 -25.79 8.22 -10.77
N ASP B 13 -26.42 7.07 -11.03
CA ASP B 13 -27.59 7.00 -11.90
C ASP B 13 -28.88 6.87 -11.10
N ARG B 14 -28.85 6.01 -10.08
CA ARG B 14 -30.03 5.75 -9.24
C ARG B 14 -29.69 5.80 -7.75
N VAL B 15 -30.55 6.45 -6.98
CA VAL B 15 -30.43 6.50 -5.52
C VAL B 15 -31.73 6.02 -4.89
N LYS B 16 -31.65 4.92 -4.15
CA LYS B 16 -32.83 4.33 -3.50
C LYS B 16 -32.63 4.19 -1.98
N PRO B 17 -33.49 4.86 -1.19
CA PRO B 17 -33.43 4.78 0.27
C PRO B 17 -33.79 3.39 0.81
N LEU B 18 -33.10 2.97 1.86
CA LEU B 18 -33.32 1.67 2.50
C LEU B 18 -33.42 1.82 4.02
N ASN B 19 -33.45 0.70 4.73
CA ASN B 19 -33.44 0.70 6.20
C ASN B 19 -32.05 1.03 6.73
N GLU B 20 -31.88 2.28 7.16
CA GLU B 20 -30.60 2.80 7.67
C GLU B 20 -29.48 2.83 6.62
N GLY B 21 -29.85 2.87 5.33
CA GLY B 21 -28.88 2.87 4.24
C GLY B 21 -29.44 3.35 2.91
N VAL B 22 -28.59 3.37 1.89
CA VAL B 22 -29.00 3.73 0.52
C VAL B 22 -28.43 2.77 -0.53
N LEU B 23 -29.20 2.54 -1.59
CA LEU B 23 -28.75 1.74 -2.72
C LEU B 23 -28.37 2.65 -3.88
N LEU B 24 -27.17 2.44 -4.41
CA LEU B 24 -26.64 3.30 -5.47
C LEU B 24 -26.29 2.50 -6.73
N ARG B 25 -26.77 2.98 -7.88
CA ARG B 25 -26.35 2.43 -9.16
C ARG B 25 -25.40 3.42 -9.83
N ILE B 26 -24.16 2.98 -10.05
CA ILE B 26 -23.13 3.83 -10.62
C ILE B 26 -22.77 3.37 -12.03
N GLU B 27 -22.98 4.25 -13.01
CA GLU B 27 -22.59 4.01 -14.39
C GLU B 27 -21.07 4.14 -14.49
N THR B 28 -20.43 3.15 -15.11
CA THR B 28 -18.97 3.06 -15.14
C THR B 28 -18.41 2.65 -16.50
N ALA B 29 -17.14 2.98 -16.74
CA ALA B 29 -16.43 2.54 -17.93
C ALA B 29 -15.83 1.14 -17.74
N TYR B 30 -15.80 0.68 -16.49
CA TYR B 30 -15.33 -0.67 -16.18
C TYR B 30 -16.20 -1.72 -16.85
N ASP B 31 -15.55 -2.75 -17.39
CA ASP B 31 -16.25 -3.87 -18.02
C ASP B 31 -16.85 -4.75 -16.93
N PRO B 32 -18.20 -4.93 -16.94
CA PRO B 32 -18.90 -5.75 -15.95
C PRO B 32 -18.42 -7.20 -15.92
N GLU B 33 -17.83 -7.66 -17.02
CA GLU B 33 -17.27 -9.01 -17.11
C GLU B 33 -16.04 -9.16 -16.22
N THR B 34 -15.36 -8.05 -15.94
CA THR B 34 -14.19 -8.04 -15.07
C THR B 34 -14.56 -7.87 -13.60
N ILE B 35 -15.85 -7.70 -13.32
CA ILE B 35 -16.34 -7.49 -11.95
C ILE B 35 -17.18 -8.68 -11.47
N GLU B 36 -16.87 -9.16 -10.28
CA GLU B 36 -17.65 -10.22 -9.63
C GLU B 36 -18.45 -9.65 -8.47
N LEU B 37 -19.52 -10.33 -8.10
CA LEU B 37 -20.33 -9.95 -6.94
C LEU B 37 -19.49 -10.09 -5.67
N GLY B 38 -19.54 -9.05 -4.83
CA GLY B 38 -18.77 -9.04 -3.59
C GLY B 38 -17.44 -8.29 -3.71
N ALA B 39 -17.15 -7.80 -4.91
CA ALA B 39 -15.93 -7.02 -5.16
C ALA B 39 -15.97 -5.69 -4.45
N SER B 40 -14.79 -5.21 -4.04
CA SER B 40 -14.66 -3.91 -3.40
C SER B 40 -14.23 -2.86 -4.43
N ILE B 41 -15.01 -1.78 -4.53
CA ILE B 41 -14.67 -0.65 -5.40
C ILE B 41 -14.69 0.64 -4.59
N ALA B 42 -13.59 1.39 -4.64
CA ALA B 42 -13.49 2.68 -3.97
C ALA B 42 -14.26 3.74 -4.75
N CYS B 43 -15.31 4.27 -4.12
CA CYS B 43 -16.16 5.29 -4.73
C CYS B 43 -15.90 6.63 -4.04
N SER B 44 -15.18 7.51 -4.75
CA SER B 44 -14.62 8.73 -4.17
C SER B 44 -13.96 8.48 -2.80
N GLY B 45 -13.19 7.40 -2.74
CA GLY B 45 -12.45 7.05 -1.53
C GLY B 45 -13.13 6.08 -0.58
N VAL B 46 -14.44 5.91 -0.76
CA VAL B 46 -15.22 5.05 0.12
C VAL B 46 -15.26 3.63 -0.44
N CYS B 47 -14.73 2.67 0.33
CA CYS B 47 -14.73 1.27 -0.07
C CYS B 47 -16.13 0.68 0.11
N LEU B 48 -16.75 0.32 -1.01
CA LEU B 48 -18.10 -0.23 -1.04
C LEU B 48 -18.11 -1.58 -1.75
N THR B 49 -19.00 -2.46 -1.30
CA THR B 49 -19.08 -3.82 -1.83
C THR B 49 -20.18 -3.93 -2.89
N VAL B 50 -19.80 -4.45 -4.06
CA VAL B 50 -20.73 -4.65 -5.18
C VAL B 50 -21.74 -5.75 -4.84
N VAL B 51 -23.02 -5.39 -4.85
CA VAL B 51 -24.11 -6.31 -4.49
C VAL B 51 -24.92 -6.79 -5.70
N ALA B 52 -24.96 -5.98 -6.75
CA ALA B 52 -25.73 -6.30 -7.95
C ALA B 52 -25.00 -5.89 -9.23
N LEU B 53 -25.16 -6.71 -10.28
CA LEU B 53 -24.54 -6.47 -11.58
C LEU B 53 -25.52 -6.86 -12.69
N PRO B 54 -25.26 -6.41 -13.94
CA PRO B 54 -26.10 -6.80 -15.09
C PRO B 54 -26.04 -8.31 -15.37
N ASN B 59 -24.64 -6.06 -22.00
CA ASN B 59 -23.71 -5.08 -22.52
C ASN B 59 -23.66 -3.79 -21.71
N ALA B 60 -24.71 -3.55 -20.92
CA ALA B 60 -24.81 -2.35 -20.08
C ALA B 60 -23.69 -2.33 -19.03
N ARG B 61 -23.14 -1.14 -18.79
CA ARG B 61 -21.99 -1.00 -17.89
C ARG B 61 -22.33 -0.22 -16.62
N TRP B 62 -22.63 -0.96 -15.56
CA TRP B 62 -22.92 -0.39 -14.24
C TRP B 62 -22.74 -1.39 -13.14
N PHE B 63 -22.59 -0.90 -11.91
CA PHE B 63 -22.59 -1.75 -10.73
C PHE B 63 -23.42 -1.10 -9.62
N GLU B 64 -23.93 -1.93 -8.70
CA GLU B 64 -24.72 -1.44 -7.58
C GLU B 64 -24.03 -1.70 -6.25
N VAL B 65 -24.06 -0.69 -5.39
CA VAL B 65 -23.47 -0.78 -4.05
C VAL B 65 -24.45 -0.23 -2.99
N GLU B 66 -24.26 -0.65 -1.75
CA GLU B 66 -25.10 -0.20 -0.64
C GLU B 66 -24.26 0.52 0.42
N ALA B 67 -24.63 1.77 0.71
CA ALA B 67 -23.97 2.55 1.75
C ALA B 67 -24.82 2.60 3.01
N TRP B 68 -24.26 2.09 4.11
CA TRP B 68 -25.00 1.98 5.37
C TRP B 68 -24.82 3.18 6.27
N GLU B 69 -25.11 3.01 7.55
CA GLU B 69 -25.11 4.08 8.54
C GLU B 69 -23.76 4.83 8.63
N GLU B 70 -22.68 4.07 8.87
CA GLU B 70 -21.36 4.65 9.05
C GLU B 70 -20.88 5.43 7.82
N ALA B 71 -21.09 4.84 6.64
CA ALA B 71 -20.70 5.47 5.39
C ALA B 71 -21.46 6.76 5.12
N LEU B 72 -22.79 6.73 5.30
CA LEU B 72 -23.64 7.90 5.09
C LEU B 72 -23.34 9.04 6.04
N ARG B 73 -22.96 8.70 7.28
CA ARG B 73 -22.69 9.68 8.32
C ARG B 73 -21.32 10.36 8.14
N LEU B 74 -20.28 9.55 7.94
CA LEU B 74 -18.90 10.03 7.88
C LEU B 74 -18.48 10.63 6.54
N THR B 75 -19.08 10.15 5.44
CA THR B 75 -18.64 10.52 4.10
C THR B 75 -19.59 11.49 3.39
N THR B 76 -19.24 11.86 2.16
CA THR B 76 -20.06 12.78 1.36
C THR B 76 -21.28 12.10 0.71
N ILE B 77 -21.35 10.77 0.82
CA ILE B 77 -22.39 9.97 0.16
C ILE B 77 -23.82 10.40 0.48
N SER B 78 -24.02 10.98 1.66
CA SER B 78 -25.32 11.52 2.06
C SER B 78 -25.84 12.60 1.13
N SER B 79 -24.94 13.27 0.41
CA SER B 79 -25.29 14.33 -0.53
C SER B 79 -25.34 13.86 -1.99
N TRP B 80 -25.04 12.58 -2.20
CA TRP B 80 -25.00 12.01 -3.55
C TRP B 80 -26.37 11.82 -4.13
N GLN B 81 -26.61 12.47 -5.26
CA GLN B 81 -27.87 12.35 -5.99
C GLN B 81 -27.59 11.97 -7.44
N SER B 82 -28.65 11.62 -8.18
CA SER B 82 -28.53 11.22 -9.58
C SER B 82 -27.88 12.34 -10.42
N GLY B 83 -26.82 11.97 -11.15
CA GLY B 83 -26.07 12.91 -11.97
C GLY B 83 -24.67 13.22 -11.43
N ARG B 84 -24.45 12.89 -10.17
CA ARG B 84 -23.17 13.16 -9.50
C ARG B 84 -22.04 12.30 -10.08
N LYS B 85 -20.93 12.96 -10.40
CA LYS B 85 -19.72 12.27 -10.84
C LYS B 85 -18.82 11.94 -9.66
N ILE B 86 -18.31 10.70 -9.63
CA ILE B 86 -17.45 10.24 -8.54
C ILE B 86 -16.18 9.55 -9.07
N ASN B 87 -15.10 9.64 -8.30
CA ASN B 87 -13.88 8.92 -8.60
C ASN B 87 -14.04 7.43 -8.33
N LEU B 88 -13.53 6.59 -9.23
CA LEU B 88 -13.59 5.14 -9.05
C LEU B 88 -12.20 4.52 -9.11
N GLU B 89 -11.97 3.56 -8.22
CA GLU B 89 -10.75 2.74 -8.26
C GLU B 89 -11.07 1.29 -7.95
N ARG B 90 -10.59 0.39 -8.80
CA ARG B 90 -10.71 -1.04 -8.56
C ARG B 90 -9.75 -1.48 -7.47
N SER B 91 -10.07 -2.57 -6.79
CA SER B 91 -9.18 -3.17 -5.81
C SER B 91 -7.92 -3.68 -6.51
N LEU B 92 -6.77 -3.50 -5.86
CA LEU B 92 -5.50 -3.97 -6.41
C LEU B 92 -5.53 -5.48 -6.59
N LYS B 93 -5.10 -5.92 -7.76
CA LYS B 93 -4.90 -7.35 -8.04
C LYS B 93 -3.43 -7.66 -7.81
N LEU B 94 -3.12 -8.93 -7.58
CA LEU B 94 -1.73 -9.34 -7.41
C LEU B 94 -0.91 -8.91 -8.63
N GLY B 95 0.13 -8.12 -8.40
CA GLY B 95 0.99 -7.62 -9.48
C GLY B 95 0.62 -6.25 -10.00
N ASP B 96 -0.50 -5.70 -9.52
CA ASP B 96 -0.90 -4.33 -9.88
C ASP B 96 0.04 -3.33 -9.21
N GLU B 97 0.38 -2.28 -9.94
CA GLU B 97 1.30 -1.25 -9.43
C GLU B 97 0.63 -0.42 -8.34
N MET B 98 1.35 -0.23 -7.23
CA MET B 98 0.88 0.61 -6.14
C MET B 98 1.49 2.00 -6.32
N GLY B 99 0.98 2.70 -7.33
CA GLY B 99 1.53 3.99 -7.77
C GLY B 99 1.43 5.15 -6.80
N GLY B 100 0.46 5.10 -5.89
CA GLY B 100 0.30 6.14 -4.87
C GLY B 100 0.89 5.70 -3.55
N HIS B 101 0.04 5.53 -2.55
CA HIS B 101 0.43 4.89 -1.29
C HIS B 101 -0.56 3.80 -0.99
N LEU B 102 -0.55 3.26 0.21
CA LEU B 102 -1.53 2.23 0.56
C LEU B 102 -2.82 2.88 1.04
N VAL B 103 -3.87 2.72 0.24
CA VAL B 103 -5.17 3.32 0.50
C VAL B 103 -6.16 2.19 0.74
N PHE B 104 -6.93 2.28 1.83
CA PHE B 104 -7.80 1.17 2.23
C PHE B 104 -9.29 1.43 2.03
N GLY B 105 -9.65 2.69 1.84
CA GLY B 105 -11.03 3.06 1.57
C GLY B 105 -11.91 3.20 2.79
N HIS B 106 -11.30 3.23 3.97
CA HIS B 106 -12.02 3.56 5.19
C HIS B 106 -11.88 5.04 5.45
N VAL B 107 -12.87 5.79 5.00
CA VAL B 107 -12.86 7.25 5.11
C VAL B 107 -13.07 7.67 6.57
N ASP B 108 -12.17 8.52 7.06
CA ASP B 108 -12.20 8.98 8.45
C ASP B 108 -13.18 10.13 8.66
N GLY B 109 -13.45 10.89 7.59
CA GLY B 109 -14.37 12.01 7.67
C GLY B 109 -14.42 12.86 6.41
N GLN B 110 -14.77 14.14 6.59
CA GLN B 110 -14.89 15.06 5.47
C GLN B 110 -13.97 16.26 5.64
N ALA B 111 -13.34 16.67 4.54
CA ALA B 111 -12.54 17.89 4.50
C ALA B 111 -13.23 18.91 3.59
N GLU B 112 -13.18 20.17 3.99
CA GLU B 112 -13.79 21.25 3.20
C GLU B 112 -12.73 22.04 2.45
N ILE B 113 -12.96 22.26 1.16
CA ILE B 113 -12.08 23.09 0.34
C ILE B 113 -12.33 24.56 0.66
N VAL B 114 -11.32 25.24 1.18
CA VAL B 114 -11.44 26.65 1.53
C VAL B 114 -10.91 27.59 0.44
N GLU B 115 -10.01 27.07 -0.41
CA GLU B 115 -9.45 27.85 -1.51
C GLU B 115 -9.09 26.99 -2.72
N ARG B 116 -9.40 27.50 -3.91
CA ARG B 116 -8.97 26.92 -5.17
C ARG B 116 -8.17 27.97 -5.94
N LYS B 117 -6.91 27.64 -6.23
CA LYS B 117 -6.02 28.57 -6.91
C LYS B 117 -5.37 27.94 -8.14
N ASP B 118 -5.52 28.61 -9.28
CA ASP B 118 -4.93 28.14 -10.54
C ASP B 118 -3.41 28.34 -10.54
N GLU B 119 -2.70 27.29 -10.91
CA GLU B 119 -1.25 27.33 -11.04
C GLU B 119 -0.88 26.86 -12.45
N GLY B 120 -1.17 27.72 -13.41
CA GLY B 120 -1.08 27.34 -14.83
C GLY B 120 -2.16 26.33 -15.16
N ASP B 121 -1.74 25.18 -15.67
CA ASP B 121 -2.68 24.09 -15.96
C ASP B 121 -2.80 23.08 -14.81
N ALA B 122 -2.14 23.40 -13.69
CA ALA B 122 -2.32 22.68 -12.43
C ALA B 122 -3.16 23.55 -11.50
N VAL B 123 -3.73 22.93 -10.46
CA VAL B 123 -4.60 23.66 -9.52
C VAL B 123 -4.28 23.31 -8.07
N ARG B 124 -3.98 24.33 -7.28
CA ARG B 124 -3.73 24.18 -5.84
C ARG B 124 -5.03 24.27 -5.05
N PHE B 125 -5.30 23.24 -4.25
CA PHE B 125 -6.45 23.25 -3.36
C PHE B 125 -5.98 23.38 -1.91
N THR B 126 -6.53 24.36 -1.21
CA THR B 126 -6.33 24.48 0.24
C THR B 126 -7.58 23.94 0.93
N LEU B 127 -7.37 23.08 1.92
CA LEU B 127 -8.47 22.38 2.58
C LEU B 127 -8.40 22.48 4.10
N ARG B 128 -9.55 22.31 4.74
CA ARG B 128 -9.65 22.27 6.20
C ARG B 128 -10.18 20.91 6.65
N ALA B 129 -9.37 20.21 7.44
CA ALA B 129 -9.73 18.92 7.98
C ALA B 129 -10.25 19.06 9.41
N PRO B 130 -10.93 18.02 9.94
CA PRO B 130 -11.30 18.02 11.36
C PRO B 130 -10.07 18.04 12.26
N GLU B 131 -10.20 18.66 13.44
CA GLU B 131 -9.09 18.80 14.39
C GLU B 131 -8.52 17.45 14.85
N GLU B 132 -9.39 16.45 14.94
CA GLU B 132 -9.00 15.09 15.33
C GLU B 132 -8.07 14.40 14.32
N LEU B 133 -8.19 14.80 13.06
CA LEU B 133 -7.42 14.21 11.96
C LEU B 133 -6.13 14.96 11.67
N ALA B 134 -6.00 16.15 12.24
CA ALA B 134 -4.83 17.02 12.03
C ALA B 134 -3.47 16.40 12.40
N PRO B 135 -3.39 15.65 13.52
CA PRO B 135 -2.10 15.03 13.87
C PRO B 135 -1.61 13.98 12.86
N PHE B 136 -2.52 13.46 12.05
CA PHE B 136 -2.19 12.45 11.04
C PHE B 136 -1.81 13.05 9.70
N ILE B 137 -1.95 14.37 9.58
CA ILE B 137 -1.62 15.08 8.35
C ILE B 137 -0.29 15.81 8.50
N ALA B 138 0.75 15.23 7.88
CA ALA B 138 2.12 15.74 7.99
C ALA B 138 2.58 16.41 6.71
N GLN B 139 3.48 17.38 6.85
CA GLN B 139 4.08 18.06 5.69
C GLN B 139 4.86 17.09 4.82
N LYS B 140 4.54 17.10 3.52
CA LYS B 140 5.09 16.18 2.53
C LYS B 140 4.78 14.70 2.79
N GLY B 141 3.78 14.47 3.63
CA GLY B 141 3.22 13.14 3.83
C GLY B 141 2.15 12.87 2.80
N SER B 142 1.48 11.72 2.94
CA SER B 142 0.43 11.33 2.01
C SER B 142 -0.95 11.47 2.64
N VAL B 143 -1.95 11.68 1.78
CA VAL B 143 -3.36 11.69 2.17
C VAL B 143 -4.19 11.22 0.97
N ALA B 144 -5.33 10.60 1.25
CA ALA B 144 -6.28 10.24 0.20
C ALA B 144 -7.53 11.13 0.31
N LEU B 145 -7.73 11.96 -0.70
CA LEU B 145 -8.88 12.88 -0.75
C LEU B 145 -9.76 12.52 -1.94
N ASP B 146 -11.02 12.19 -1.65
CA ASP B 146 -11.94 11.61 -2.65
C ASP B 146 -11.29 10.44 -3.37
N GLY B 147 -10.54 9.64 -2.63
CA GLY B 147 -9.86 8.46 -3.15
C GLY B 147 -8.59 8.73 -3.94
N THR B 148 -8.17 9.99 -3.99
CA THR B 148 -6.99 10.38 -4.76
C THR B 148 -5.77 10.48 -3.84
N SER B 149 -4.72 9.73 -4.17
CA SER B 149 -3.46 9.78 -3.43
C SER B 149 -2.76 11.10 -3.72
N LEU B 150 -2.52 11.88 -2.67
CA LEU B 150 -1.97 13.22 -2.83
C LEU B 150 -0.93 13.56 -1.76
N THR B 151 0.05 14.37 -2.16
CA THR B 151 1.07 14.88 -1.24
C THR B 151 0.55 16.12 -0.53
N VAL B 152 0.69 16.14 0.80
CA VAL B 152 0.42 17.33 1.59
C VAL B 152 1.62 18.24 1.43
N ASN B 153 1.45 19.34 0.68
CA ASN B 153 2.57 20.21 0.36
C ASN B 153 2.95 21.18 1.46
N GLY B 154 1.94 21.69 2.16
CA GLY B 154 2.15 22.54 3.34
C GLY B 154 1.02 22.28 4.33
N VAL B 155 1.31 22.49 5.60
CA VAL B 155 0.31 22.27 6.66
C VAL B 155 0.40 23.34 7.76
N ASN B 156 -0.76 23.89 8.10
CA ASN B 156 -0.89 24.89 9.17
C ASN B 156 -2.11 24.56 10.03
N ALA B 157 -1.86 24.02 11.22
CA ALA B 157 -2.91 23.49 12.11
C ALA B 157 -3.71 22.38 11.41
N ASN B 158 -5.00 22.61 11.22
CA ASN B 158 -5.87 21.66 10.52
C ASN B 158 -6.02 22.00 9.03
N GLU B 159 -5.37 23.08 8.61
CA GLU B 159 -5.40 23.53 7.22
C GLU B 159 -4.17 23.02 6.45
N PHE B 160 -4.40 22.55 5.24
CA PHE B 160 -3.31 22.05 4.39
C PHE B 160 -3.60 22.27 2.90
N ASP B 161 -2.55 22.22 2.08
CA ASP B 161 -2.71 22.39 0.64
C ASP B 161 -2.19 21.19 -0.16
N VAL B 162 -2.88 20.92 -1.26
CA VAL B 162 -2.47 19.89 -2.22
C VAL B 162 -2.44 20.49 -3.62
N LEU B 163 -1.64 19.90 -4.50
CA LEU B 163 -1.55 20.35 -5.88
C LEU B 163 -2.07 19.26 -6.80
N LEU B 164 -3.04 19.62 -7.64
CA LEU B 164 -3.61 18.69 -8.61
C LEU B 164 -2.99 18.90 -9.98
N ILE B 165 -2.27 17.89 -10.45
CA ILE B 165 -1.60 17.92 -11.75
C ILE B 165 -2.61 17.88 -12.89
N ARG B 166 -2.22 18.36 -14.07
CA ARG B 166 -3.11 18.40 -15.24
C ARG B 166 -3.78 17.06 -15.51
N HIS B 167 -2.97 16.00 -15.57
CA HIS B 167 -3.47 14.65 -15.83
C HIS B 167 -4.57 14.25 -14.90
N SER B 168 -4.38 14.52 -13.61
CA SER B 168 -5.38 14.22 -12.58
C SER B 168 -6.65 15.04 -12.73
N LEU B 169 -6.48 16.32 -13.07
CA LEU B 169 -7.62 17.20 -13.32
C LEU B 169 -8.46 16.72 -14.50
N GLU B 170 -7.84 15.96 -15.40
CA GLU B 170 -8.51 15.41 -16.57
C GLU B 170 -9.21 14.07 -16.28
N VAL B 171 -8.57 13.22 -15.50
CA VAL B 171 -9.07 11.86 -15.27
C VAL B 171 -9.83 11.66 -13.94
N THR B 172 -9.92 12.73 -13.15
CA THR B 172 -10.64 12.68 -11.87
C THR B 172 -11.69 13.79 -11.75
N THR B 173 -12.52 13.71 -10.71
CA THR B 173 -13.57 14.70 -10.46
C THR B 173 -13.03 16.04 -9.94
N TRP B 174 -11.72 16.12 -9.74
CA TRP B 174 -11.08 17.32 -9.18
C TRP B 174 -11.14 18.52 -10.07
N GLY B 175 -11.35 18.30 -11.37
CA GLY B 175 -11.47 19.38 -12.34
C GLY B 175 -12.67 20.29 -12.13
N GLU B 176 -13.72 19.76 -11.50
CA GLU B 176 -14.95 20.51 -11.25
C GLU B 176 -15.12 20.96 -9.79
N ARG B 177 -14.17 20.61 -8.93
CA ARG B 177 -14.25 20.98 -7.51
C ARG B 177 -13.99 22.47 -7.28
N LYS B 178 -14.78 23.08 -6.42
CA LYS B 178 -14.67 24.50 -6.10
C LYS B 178 -14.64 24.71 -4.59
N ALA B 179 -14.36 25.95 -4.17
CA ALA B 179 -14.37 26.31 -2.76
C ALA B 179 -15.75 26.09 -2.14
N GLY B 180 -15.78 25.50 -0.95
CA GLY B 180 -17.04 25.17 -0.28
C GLY B 180 -17.39 23.69 -0.36
N ASP B 181 -16.90 23.02 -1.40
CA ASP B 181 -17.14 21.59 -1.60
C ASP B 181 -16.49 20.74 -0.50
N LYS B 182 -17.18 19.67 -0.12
CA LYS B 182 -16.64 18.73 0.85
C LYS B 182 -16.09 17.50 0.12
N VAL B 183 -14.93 17.01 0.58
CA VAL B 183 -14.32 15.81 0.02
C VAL B 183 -14.09 14.75 1.10
N ASN B 184 -14.08 13.49 0.69
CA ASN B 184 -13.78 12.39 1.61
C ASN B 184 -12.29 12.36 1.93
N ILE B 185 -11.97 12.27 3.22
CA ILE B 185 -10.57 12.19 3.65
C ILE B 185 -10.26 10.88 4.38
N GLU B 186 -9.30 10.14 3.85
CA GLU B 186 -8.72 9.01 4.55
C GLU B 186 -7.28 9.37 4.87
N ILE B 187 -6.97 9.45 6.17
CA ILE B 187 -5.60 9.72 6.59
C ILE B 187 -4.73 8.49 6.35
N ASP B 188 -3.44 8.72 6.16
CA ASP B 188 -2.50 7.65 5.89
C ASP B 188 -2.49 6.63 7.04
N GLN B 189 -2.79 5.38 6.71
CA GLN B 189 -2.77 4.28 7.70
C GLN B 189 -1.40 4.14 8.35
N LEU B 190 -0.34 4.51 7.63
CA LEU B 190 1.02 4.46 8.16
C LEU B 190 1.22 5.47 9.30
N ALA B 191 0.49 6.58 9.23
CA ALA B 191 0.46 7.56 10.31
C ALA B 191 -0.21 6.99 11.56
N ARG B 192 -1.22 6.14 11.34
CA ARG B 192 -1.91 5.44 12.42
C ARG B 192 -0.96 4.43 13.09
N TYR B 193 -0.09 3.81 12.30
CA TYR B 193 0.93 2.91 12.83
C TYR B 193 1.97 3.65 13.66
N ALA B 194 2.30 4.88 13.25
CA ALA B 194 3.20 5.74 14.02
C ALA B 194 2.58 6.11 15.37
N ALA B 195 1.28 6.43 15.36
CA ALA B 195 0.54 6.77 16.57
C ALA B 195 0.47 5.61 17.56
N ARG B 196 0.29 4.40 17.03
CA ARG B 196 0.23 3.19 17.84
C ARG B 196 1.56 2.91 18.54
N LEU B 197 2.67 3.14 17.83
CA LEU B 197 4.01 2.98 18.39
C LEU B 197 4.30 4.03 19.48
N ALA B 198 3.77 5.23 19.29
CA ALA B 198 3.90 6.31 20.27
C ALA B 198 3.00 6.10 21.48
N GLN B 199 1.83 5.51 21.25
CA GLN B 199 0.88 5.17 22.32
C GLN B 199 1.46 4.10 23.23
N TYR B 200 2.11 3.10 22.64
CA TYR B 200 2.71 1.99 23.37
C TYR B 200 3.92 2.45 24.18
N GLN B 201 4.63 3.43 23.67
CA GLN B 201 5.80 4.01 24.35
C GLN B 201 5.41 5.23 25.19
N MET C 1 1.79 -16.68 -2.91
CA MET C 1 1.19 -15.66 -2.01
C MET C 1 -0.33 -15.80 -1.89
N PHE C 2 -0.88 -15.22 -0.83
CA PHE C 2 -2.26 -15.47 -0.43
C PHE C 2 -2.98 -14.16 -0.09
N THR C 3 -4.30 -14.23 0.11
CA THR C 3 -5.07 -13.04 0.44
C THR C 3 -5.85 -13.16 1.75
N GLY C 4 -5.93 -14.37 2.28
CA GLY C 4 -6.61 -14.60 3.55
C GLY C 4 -8.08 -14.94 3.40
N ILE C 5 -8.48 -15.34 2.19
CA ILE C 5 -9.82 -15.87 1.96
C ILE C 5 -9.75 -17.39 1.90
N ILE C 6 -10.29 -18.03 2.93
CA ILE C 6 -10.25 -19.48 3.06
C ILE C 6 -11.22 -20.15 2.11
N THR C 7 -10.73 -21.13 1.36
CA THR C 7 -11.51 -21.77 0.30
C THR C 7 -11.83 -23.25 0.61
N ASP C 8 -11.23 -23.79 1.67
CA ASP C 8 -11.52 -25.15 2.12
C ASP C 8 -11.13 -25.33 3.60
N ILE C 9 -11.89 -26.17 4.30
CA ILE C 9 -11.53 -26.59 5.64
C ILE C 9 -10.96 -28.00 5.55
N GLY C 10 -9.64 -28.09 5.71
CA GLY C 10 -8.93 -29.36 5.63
C GLY C 10 -8.92 -30.08 6.96
N LYS C 11 -8.70 -31.39 6.91
CA LYS C 11 -8.57 -32.19 8.12
C LYS C 11 -7.22 -32.86 8.14
N VAL C 12 -6.51 -32.71 9.26
CA VAL C 12 -5.24 -33.39 9.45
C VAL C 12 -5.52 -34.89 9.61
N ASP C 13 -5.09 -35.65 8.61
CA ASP C 13 -5.34 -37.09 8.55
C ASP C 13 -4.31 -37.86 9.36
N ARG C 14 -3.03 -37.56 9.14
CA ARG C 14 -1.95 -38.20 9.89
C ARG C 14 -0.76 -37.26 10.18
N VAL C 15 -0.06 -37.54 11.28
CA VAL C 15 1.12 -36.80 11.70
C VAL C 15 2.27 -37.78 11.90
N LYS C 16 3.37 -37.54 11.21
CA LYS C 16 4.54 -38.42 11.30
C LYS C 16 5.80 -37.62 11.60
N PRO C 17 6.52 -37.98 12.68
CA PRO C 17 7.80 -37.33 12.98
C PRO C 17 8.83 -37.59 11.89
N LEU C 18 9.56 -36.54 11.52
CA LEU C 18 10.66 -36.62 10.57
C LEU C 18 11.95 -36.15 11.24
N ASN C 19 13.07 -36.33 10.55
CA ASN C 19 14.34 -35.77 10.99
C ASN C 19 14.25 -34.24 10.95
N GLU C 20 14.21 -33.63 12.13
CA GLU C 20 14.10 -32.18 12.31
C GLU C 20 12.82 -31.57 11.70
N GLY C 21 11.75 -32.37 11.66
CA GLY C 21 10.47 -31.90 11.11
C GLY C 21 9.32 -32.85 11.37
N VAL C 22 8.15 -32.50 10.82
CA VAL C 22 6.96 -33.36 10.89
C VAL C 22 6.27 -33.44 9.53
N LEU C 23 5.89 -34.65 9.12
CA LEU C 23 5.08 -34.85 7.93
C LEU C 23 3.61 -34.81 8.30
N LEU C 24 2.82 -34.06 7.51
CA LEU C 24 1.38 -33.96 7.71
C LEU C 24 0.65 -34.38 6.44
N ARG C 25 -0.31 -35.30 6.57
CA ARG C 25 -1.24 -35.57 5.49
C ARG C 25 -2.55 -34.85 5.80
N ILE C 26 -3.00 -34.03 4.85
CA ILE C 26 -4.19 -33.21 5.03
C ILE C 26 -5.27 -33.62 4.03
N GLU C 27 -6.40 -34.08 4.54
CA GLU C 27 -7.58 -34.37 3.74
C GLU C 27 -8.19 -33.06 3.25
N THR C 28 -8.57 -33.01 1.98
CA THR C 28 -9.05 -31.78 1.36
C THR C 28 -10.19 -32.01 0.36
N ALA C 29 -10.97 -30.96 0.12
CA ALA C 29 -12.00 -30.98 -0.91
C ALA C 29 -11.43 -30.54 -2.26
N TYR C 30 -10.21 -30.01 -2.25
CA TYR C 30 -9.49 -29.65 -3.48
C TYR C 30 -9.29 -30.86 -4.38
N ASP C 31 -9.38 -30.64 -5.69
CA ASP C 31 -9.08 -31.67 -6.68
C ASP C 31 -7.56 -31.84 -6.77
N PRO C 32 -7.06 -33.05 -6.44
CA PRO C 32 -5.61 -33.32 -6.46
C PRO C 32 -4.98 -33.18 -7.85
N GLU C 33 -5.81 -33.24 -8.89
CA GLU C 33 -5.36 -33.04 -10.27
C GLU C 33 -4.96 -31.58 -10.52
N THR C 34 -5.52 -30.67 -9.74
CA THR C 34 -5.21 -29.24 -9.86
C THR C 34 -4.02 -28.83 -8.98
N ILE C 35 -3.52 -29.77 -8.18
CA ILE C 35 -2.36 -29.53 -7.32
C ILE C 35 -1.12 -30.19 -7.93
N GLU C 36 -0.01 -29.46 -7.92
CA GLU C 36 1.27 -30.00 -8.35
C GLU C 36 2.22 -30.13 -7.16
N LEU C 37 3.15 -31.08 -7.24
CA LEU C 37 4.20 -31.20 -6.24
C LEU C 37 4.98 -29.90 -6.21
N GLY C 38 5.25 -29.39 -5.02
CA GLY C 38 5.96 -28.13 -4.86
C GLY C 38 5.07 -26.91 -4.78
N ALA C 39 3.76 -27.11 -4.89
CA ALA C 39 2.79 -26.01 -4.77
C ALA C 39 2.77 -25.47 -3.34
N SER C 40 2.50 -24.18 -3.22
CA SER C 40 2.35 -23.54 -1.91
C SER C 40 0.89 -23.49 -1.51
N ILE C 41 0.57 -24.04 -0.34
CA ILE C 41 -0.76 -23.96 0.23
C ILE C 41 -0.65 -23.43 1.65
N ALA C 42 -1.47 -22.43 1.96
CA ALA C 42 -1.55 -21.88 3.31
C ALA C 42 -2.40 -22.80 4.19
N CYS C 43 -1.80 -23.29 5.27
CA CYS C 43 -2.49 -24.19 6.20
C CYS C 43 -2.64 -23.49 7.54
N SER C 44 -3.88 -23.07 7.83
CA SER C 44 -4.17 -22.17 8.95
C SER C 44 -3.18 -21.00 9.02
N GLY C 45 -2.90 -20.41 7.86
CA GLY C 45 -2.00 -19.27 7.77
C GLY C 45 -0.57 -19.58 7.41
N VAL C 46 -0.16 -20.83 7.62
CA VAL C 46 1.22 -21.25 7.41
C VAL C 46 1.46 -21.70 5.97
N CYS C 47 2.35 -21.01 5.25
CA CYS C 47 2.71 -21.41 3.91
C CYS C 47 3.58 -22.67 3.93
N LEU C 48 3.07 -23.72 3.30
CA LEU C 48 3.70 -25.03 3.29
C LEU C 48 3.78 -25.56 1.87
N THR C 49 4.82 -26.35 1.60
CA THR C 49 5.06 -26.89 0.27
C THR C 49 4.56 -28.31 0.16
N VAL C 50 3.77 -28.58 -0.88
CA VAL C 50 3.23 -29.92 -1.13
C VAL C 50 4.37 -30.87 -1.49
N VAL C 51 4.47 -31.96 -0.73
CA VAL C 51 5.53 -32.96 -0.94
C VAL C 51 5.01 -34.27 -1.53
N ALA C 52 3.71 -34.53 -1.42
CA ALA C 52 3.12 -35.76 -1.93
C ALA C 52 1.62 -35.64 -2.23
N LEU C 53 1.18 -36.39 -3.24
CA LEU C 53 -0.22 -36.45 -3.66
C LEU C 53 -0.63 -37.92 -3.84
N PRO C 54 -1.95 -38.21 -3.91
CA PRO C 54 -2.38 -39.60 -4.15
C PRO C 54 -1.85 -40.18 -5.46
N GLU C 55 -1.57 -41.48 -5.45
CA GLU C 55 -1.02 -42.18 -6.62
C GLU C 55 -2.02 -42.25 -7.78
N LYS C 56 -1.54 -42.66 -8.96
CA LYS C 56 -2.40 -42.86 -10.12
C LYS C 56 -3.42 -43.96 -9.84
N GLY C 57 -4.68 -43.70 -10.17
CA GLY C 57 -5.76 -44.65 -9.93
C GLY C 57 -6.52 -44.37 -8.64
N SER C 58 -5.84 -43.76 -7.67
CA SER C 58 -6.45 -43.43 -6.38
C SER C 58 -7.50 -42.33 -6.54
N ASN C 59 -8.60 -42.48 -5.80
CA ASN C 59 -9.68 -41.50 -5.79
C ASN C 59 -9.67 -40.65 -4.54
N ALA C 60 -8.69 -40.89 -3.67
CA ALA C 60 -8.54 -40.14 -2.43
C ALA C 60 -8.18 -38.69 -2.71
N ARG C 61 -8.56 -37.81 -1.79
CA ARG C 61 -8.28 -36.38 -1.93
C ARG C 61 -7.53 -35.85 -0.71
N TRP C 62 -6.19 -35.91 -0.81
CA TRP C 62 -5.31 -35.39 0.22
C TRP C 62 -4.05 -34.84 -0.37
N PHE C 63 -3.30 -34.09 0.44
CA PHE C 63 -1.95 -33.68 0.08
C PHE C 63 -1.06 -33.74 1.31
N GLU C 64 0.24 -33.94 1.09
CA GLU C 64 1.18 -33.98 2.20
C GLU C 64 2.10 -32.77 2.19
N VAL C 65 2.38 -32.26 3.39
CA VAL C 65 3.30 -31.15 3.59
C VAL C 65 4.26 -31.49 4.72
N GLU C 66 5.41 -30.81 4.75
CA GLU C 66 6.40 -31.00 5.81
C GLU C 66 6.68 -29.69 6.52
N ALA C 67 6.59 -29.70 7.85
CA ALA C 67 6.84 -28.52 8.66
C ALA C 67 8.17 -28.63 9.38
N TRP C 68 9.00 -27.60 9.27
CA TRP C 68 10.35 -27.60 9.83
C TRP C 68 10.44 -26.81 11.11
N GLU C 69 11.66 -26.58 11.59
CA GLU C 69 11.89 -26.00 12.92
C GLU C 69 11.22 -24.64 13.16
N GLU C 70 11.27 -23.76 12.16
CA GLU C 70 10.68 -22.42 12.30
C GLU C 70 9.16 -22.48 12.40
N ALA C 71 8.54 -23.23 11.49
CA ALA C 71 7.09 -23.40 11.50
C ALA C 71 6.62 -24.10 12.79
N LEU C 72 7.37 -25.11 13.22
CA LEU C 72 7.03 -25.86 14.44
C LEU C 72 7.13 -25.02 15.70
N ARG C 73 8.12 -24.13 15.76
CA ARG C 73 8.34 -23.24 16.91
C ARG C 73 7.34 -22.08 16.94
N LEU C 74 7.24 -21.35 15.83
CA LEU C 74 6.45 -20.11 15.78
C LEU C 74 4.94 -20.32 15.66
N THR C 75 4.52 -21.41 15.06
CA THR C 75 3.10 -21.62 14.74
C THR C 75 2.43 -22.69 15.60
N THR C 76 1.13 -22.87 15.40
CA THR C 76 0.34 -23.85 16.15
C THR C 76 0.55 -25.31 15.68
N ILE C 77 1.31 -25.48 14.61
CA ILE C 77 1.50 -26.80 13.98
C ILE C 77 2.00 -27.89 14.94
N SER C 78 2.85 -27.50 15.89
CA SER C 78 3.37 -28.43 16.91
C SER C 78 2.27 -29.12 17.73
N SER C 79 1.08 -28.53 17.75
CA SER C 79 -0.05 -29.07 18.50
C SER C 79 -1.04 -29.85 17.64
N TRP C 80 -0.83 -29.84 16.33
CA TRP C 80 -1.73 -30.48 15.38
C TRP C 80 -1.70 -31.98 15.47
N GLN C 81 -2.84 -32.55 15.83
CA GLN C 81 -3.01 -34.00 15.89
C GLN C 81 -4.03 -34.44 14.85
N SER C 82 -4.12 -35.75 14.63
CA SER C 82 -5.11 -36.31 13.70
C SER C 82 -6.52 -35.88 14.07
N GLY C 83 -7.29 -35.42 13.08
CA GLY C 83 -8.65 -34.96 13.29
C GLY C 83 -8.79 -33.45 13.34
N ARG C 84 -7.67 -32.76 13.57
CA ARG C 84 -7.64 -31.29 13.63
C ARG C 84 -8.09 -30.68 12.30
N LYS C 85 -9.07 -29.77 12.38
CA LYS C 85 -9.53 -29.05 11.21
C LYS C 85 -8.70 -27.78 11.02
N ILE C 86 -8.29 -27.54 9.78
CA ILE C 86 -7.42 -26.40 9.46
C ILE C 86 -7.92 -25.63 8.24
N ASN C 87 -7.69 -24.33 8.24
CA ASN C 87 -8.03 -23.47 7.11
C ASN C 87 -7.07 -23.69 5.95
N LEU C 88 -7.61 -23.72 4.74
CA LEU C 88 -6.80 -23.91 3.54
C LEU C 88 -7.04 -22.80 2.52
N GLU C 89 -5.95 -22.33 1.91
CA GLU C 89 -6.01 -21.38 0.82
C GLU C 89 -4.93 -21.71 -0.20
N ARG C 90 -5.31 -21.71 -1.48
CA ARG C 90 -4.37 -21.95 -2.57
C ARG C 90 -3.61 -20.67 -2.90
N SER C 91 -2.39 -20.83 -3.43
CA SER C 91 -1.57 -19.68 -3.83
C SER C 91 -2.18 -18.97 -5.02
N LEU C 92 -2.15 -17.63 -4.99
CA LEU C 92 -2.70 -16.81 -6.06
C LEU C 92 -1.72 -16.63 -7.20
N LYS C 93 -2.25 -16.32 -8.38
CA LYS C 93 -1.44 -16.05 -9.56
C LYS C 93 -1.47 -14.57 -9.90
N LEU C 94 -0.54 -14.13 -10.74
CA LEU C 94 -0.52 -12.75 -11.23
C LEU C 94 -1.87 -12.40 -11.86
N GLY C 95 -2.42 -11.25 -11.43
CA GLY C 95 -3.69 -10.77 -11.97
C GLY C 95 -4.92 -11.21 -11.19
N ASP C 96 -4.72 -12.08 -10.20
CA ASP C 96 -5.81 -12.57 -9.36
C ASP C 96 -6.32 -11.49 -8.42
N GLU C 97 -7.63 -11.48 -8.18
CA GLU C 97 -8.25 -10.58 -7.22
C GLU C 97 -7.77 -10.88 -5.79
N MET C 98 -7.63 -9.83 -4.99
CA MET C 98 -7.15 -9.94 -3.61
C MET C 98 -8.22 -9.39 -2.67
N GLY C 99 -9.26 -10.19 -2.43
CA GLY C 99 -10.41 -9.76 -1.64
C GLY C 99 -10.18 -9.60 -0.15
N GLY C 100 -9.06 -10.13 0.34
CA GLY C 100 -8.68 -9.98 1.74
C GLY C 100 -7.65 -8.87 1.89
N HIS C 101 -6.40 -9.26 2.12
CA HIS C 101 -5.25 -8.36 2.03
C HIS C 101 -4.06 -9.17 1.59
N LEU C 102 -2.85 -8.61 1.64
CA LEU C 102 -1.68 -9.36 1.20
C LEU C 102 -1.18 -10.25 2.33
N VAL C 103 -1.26 -11.57 2.11
CA VAL C 103 -0.85 -12.56 3.10
C VAL C 103 0.26 -13.43 2.50
N PHE C 104 1.44 -13.41 3.11
CA PHE C 104 2.57 -14.18 2.61
C PHE C 104 2.57 -15.63 3.10
N GLY C 105 1.97 -15.86 4.26
CA GLY C 105 2.00 -17.19 4.87
C GLY C 105 3.22 -17.40 5.75
N HIS C 106 3.97 -16.34 6.01
CA HIS C 106 5.02 -16.37 7.01
C HIS C 106 4.43 -15.90 8.31
N VAL C 107 4.11 -16.86 9.18
CA VAL C 107 3.49 -16.56 10.46
C VAL C 107 4.53 -16.03 11.44
N ASP C 108 4.17 -14.96 12.14
CA ASP C 108 5.09 -14.27 13.06
C ASP C 108 5.06 -14.87 14.46
N GLY C 109 3.93 -15.46 14.84
CA GLY C 109 3.79 -16.10 16.14
C GLY C 109 2.39 -16.61 16.41
N GLN C 110 2.06 -16.77 17.68
CA GLN C 110 0.75 -17.25 18.10
C GLN C 110 0.04 -16.22 18.96
N ALA C 111 -1.22 -15.94 18.63
CA ALA C 111 -2.09 -15.12 19.47
C ALA C 111 -3.09 -16.02 20.18
N GLU C 112 -3.41 -15.69 21.42
CA GLU C 112 -4.35 -16.48 22.21
C GLU C 112 -5.70 -15.80 22.34
N ILE C 113 -6.77 -16.53 22.03
CA ILE C 113 -8.13 -16.03 22.21
C ILE C 113 -8.43 -15.97 23.71
N VAL C 114 -8.86 -14.79 24.17
CA VAL C 114 -9.22 -14.62 25.58
C VAL C 114 -10.72 -14.47 25.79
N GLU C 115 -11.41 -13.93 24.79
CA GLU C 115 -12.87 -13.75 24.85
C GLU C 115 -13.56 -13.96 23.51
N ARG C 116 -14.74 -14.56 23.55
CA ARG C 116 -15.63 -14.68 22.41
C ARG C 116 -17.01 -14.15 22.81
N LYS C 117 -17.51 -13.16 22.08
CA LYS C 117 -18.81 -12.55 22.38
C LYS C 117 -19.67 -12.40 21.14
N ASP C 118 -20.86 -13.00 21.17
CA ASP C 118 -21.81 -12.92 20.07
C ASP C 118 -22.47 -11.53 20.02
N GLU C 119 -22.41 -10.92 18.85
CA GLU C 119 -22.99 -9.58 18.65
C GLU C 119 -23.95 -9.57 17.46
N GLY C 120 -24.76 -10.61 17.36
CA GLY C 120 -25.77 -10.72 16.30
C GLY C 120 -25.19 -11.04 14.94
N ASP C 121 -24.97 -10.00 14.14
CA ASP C 121 -24.44 -10.12 12.79
C ASP C 121 -23.04 -10.75 12.76
N ALA C 122 -22.23 -10.42 13.76
CA ALA C 122 -20.85 -10.91 13.85
C ALA C 122 -20.49 -11.34 15.27
N VAL C 123 -19.44 -12.15 15.39
CA VAL C 123 -18.92 -12.57 16.68
C VAL C 123 -17.59 -11.88 16.96
N ARG C 124 -17.51 -11.22 18.11
CA ARG C 124 -16.30 -10.49 18.51
C ARG C 124 -15.33 -11.39 19.25
N PHE C 125 -14.13 -11.54 18.67
CA PHE C 125 -13.06 -12.29 19.31
C PHE C 125 -12.01 -11.33 19.85
N THR C 126 -11.73 -11.44 21.15
CA THR C 126 -10.65 -10.69 21.77
C THR C 126 -9.45 -11.60 21.93
N LEU C 127 -8.29 -11.11 21.49
CA LEU C 127 -7.07 -11.90 21.50
C LEU C 127 -5.91 -11.21 22.19
N ARG C 128 -5.03 -12.00 22.78
CA ARG C 128 -3.79 -11.51 23.35
C ARG C 128 -2.65 -11.74 22.36
N ALA C 129 -1.99 -10.66 21.97
CA ALA C 129 -0.89 -10.72 21.04
C ALA C 129 0.43 -10.93 21.78
N PRO C 130 1.42 -11.59 21.14
CA PRO C 130 2.76 -11.68 21.72
C PRO C 130 3.34 -10.29 21.98
N GLU C 131 4.13 -10.17 23.05
CA GLU C 131 4.69 -8.89 23.47
C GLU C 131 5.44 -8.14 22.36
N GLU C 132 6.18 -8.88 21.53
CA GLU C 132 6.97 -8.31 20.45
C GLU C 132 6.11 -7.75 19.32
N LEU C 133 4.91 -8.30 19.15
CA LEU C 133 4.01 -7.95 18.05
C LEU C 133 3.01 -6.85 18.40
N ALA C 134 2.65 -6.76 19.68
CA ALA C 134 1.63 -5.82 20.17
C ALA C 134 1.80 -4.35 19.77
N PRO C 135 3.03 -3.80 19.81
CA PRO C 135 3.21 -2.39 19.44
C PRO C 135 2.95 -2.11 17.95
N PHE C 136 2.83 -3.16 17.16
CA PHE C 136 2.66 -3.02 15.71
C PHE C 136 1.29 -3.53 15.24
N ILE C 137 0.42 -3.85 16.20
CA ILE C 137 -0.97 -4.12 15.91
C ILE C 137 -1.77 -2.85 16.16
N ALA C 138 -2.33 -2.31 15.08
CA ALA C 138 -2.99 -1.02 15.12
C ALA C 138 -4.41 -1.09 14.57
N GLN C 139 -5.29 -0.26 15.13
CA GLN C 139 -6.68 -0.16 14.68
C GLN C 139 -6.75 0.06 13.17
N LYS C 140 -7.72 -0.59 12.53
CA LYS C 140 -7.97 -0.49 11.08
C LYS C 140 -6.94 -1.20 10.21
N GLY C 141 -5.87 -1.70 10.83
CA GLY C 141 -4.90 -2.55 10.15
C GLY C 141 -5.51 -3.92 9.87
N SER C 142 -4.88 -4.68 8.97
CA SER C 142 -5.31 -6.03 8.68
C SER C 142 -4.41 -7.06 9.34
N VAL C 143 -5.00 -8.18 9.72
CA VAL C 143 -4.25 -9.28 10.32
C VAL C 143 -4.70 -10.61 9.73
N ALA C 144 -3.76 -11.53 9.55
CA ALA C 144 -4.09 -12.90 9.19
C ALA C 144 -4.05 -13.75 10.46
N LEU C 145 -5.23 -14.24 10.84
CA LEU C 145 -5.35 -15.10 12.02
C LEU C 145 -5.85 -16.47 11.57
N ASP C 146 -5.04 -17.49 11.80
CA ASP C 146 -5.26 -18.82 11.21
C ASP C 146 -5.51 -18.69 9.70
N GLY C 147 -4.76 -17.80 9.06
CA GLY C 147 -4.86 -17.56 7.63
C GLY C 147 -6.06 -16.76 7.17
N THR C 148 -6.88 -16.33 8.10
CA THR C 148 -8.09 -15.57 7.78
C THR C 148 -7.82 -14.07 7.83
N SER C 149 -8.12 -13.40 6.73
CA SER C 149 -7.97 -11.95 6.63
C SER C 149 -9.02 -11.23 7.48
N LEU C 150 -8.57 -10.49 8.48
CA LEU C 150 -9.45 -9.78 9.40
C LEU C 150 -8.93 -8.38 9.70
N THR C 151 -9.85 -7.45 9.95
CA THR C 151 -9.50 -6.10 10.33
C THR C 151 -9.36 -5.99 11.85
N VAL C 152 -8.34 -5.26 12.30
CA VAL C 152 -8.19 -4.96 13.72
C VAL C 152 -9.22 -3.88 14.07
N ASN C 153 -10.23 -4.28 14.83
CA ASN C 153 -11.35 -3.41 15.19
C ASN C 153 -11.00 -2.44 16.32
N GLY C 154 -10.15 -2.90 17.22
CA GLY C 154 -9.71 -2.09 18.35
C GLY C 154 -8.53 -2.72 19.06
N VAL C 155 -7.73 -1.89 19.72
CA VAL C 155 -6.56 -2.37 20.45
C VAL C 155 -6.55 -1.86 21.90
N ASN C 156 -6.24 -2.77 22.82
CA ASN C 156 -6.18 -2.46 24.25
C ASN C 156 -4.94 -3.10 24.86
N ALA C 157 -3.87 -2.30 24.97
CA ALA C 157 -2.55 -2.77 25.41
C ALA C 157 -2.04 -3.94 24.58
N ASN C 158 -1.93 -5.11 25.20
CA ASN C 158 -1.49 -6.33 24.50
C ASN C 158 -2.64 -7.12 23.89
N GLU C 159 -3.86 -6.60 24.04
CA GLU C 159 -5.06 -7.25 23.52
C GLU C 159 -5.65 -6.48 22.34
N PHE C 160 -6.32 -7.22 21.45
CA PHE C 160 -6.98 -6.62 20.29
C PHE C 160 -8.24 -7.40 19.89
N ASP C 161 -9.14 -6.71 19.21
CA ASP C 161 -10.43 -7.28 18.81
C ASP C 161 -10.56 -7.48 17.31
N VAL C 162 -11.19 -8.59 16.92
CA VAL C 162 -11.58 -8.83 15.54
C VAL C 162 -13.05 -9.26 15.47
N LEU C 163 -13.71 -8.88 14.39
CA LEU C 163 -15.11 -9.25 14.14
C LEU C 163 -15.19 -10.32 13.07
N LEU C 164 -15.87 -11.41 13.40
CA LEU C 164 -16.10 -12.50 12.44
C LEU C 164 -17.56 -12.63 12.06
N ILE C 165 -17.86 -12.32 10.80
CA ILE C 165 -19.21 -12.40 10.26
C ILE C 165 -19.66 -13.85 10.10
N ARG C 166 -20.98 -14.04 10.02
CA ARG C 166 -21.60 -15.37 10.00
C ARG C 166 -21.07 -16.28 8.87
N HIS C 167 -20.85 -15.69 7.70
CA HIS C 167 -20.30 -16.44 6.56
C HIS C 167 -18.93 -16.98 6.84
N SER C 168 -18.09 -16.17 7.48
CA SER C 168 -16.72 -16.56 7.84
C SER C 168 -16.69 -17.67 8.90
N LEU C 169 -17.67 -17.64 9.80
CA LEU C 169 -17.82 -18.70 10.80
C LEU C 169 -18.18 -20.03 10.16
N GLU C 170 -18.88 -19.96 9.03
CA GLU C 170 -19.32 -21.15 8.29
C GLU C 170 -18.20 -21.74 7.43
N VAL C 171 -17.45 -20.88 6.75
CA VAL C 171 -16.44 -21.32 5.76
C VAL C 171 -15.03 -21.49 6.32
N THR C 172 -14.81 -21.07 7.57
CA THR C 172 -13.50 -21.23 8.21
C THR C 172 -13.60 -22.01 9.53
N THR C 173 -12.44 -22.34 10.10
CA THR C 173 -12.38 -23.04 11.38
C THR C 173 -12.72 -22.13 12.58
N TRP C 174 -13.01 -20.86 12.30
CA TRP C 174 -13.39 -19.91 13.35
C TRP C 174 -14.72 -20.22 13.98
N GLY C 175 -15.50 -21.09 13.32
CA GLY C 175 -16.79 -21.53 13.84
C GLY C 175 -16.68 -22.42 15.07
N GLU C 176 -15.52 -23.04 15.26
CA GLU C 176 -15.28 -23.92 16.41
C GLU C 176 -14.30 -23.33 17.44
N ARG C 177 -13.79 -22.14 17.15
CA ARG C 177 -12.81 -21.49 18.04
C ARG C 177 -13.44 -20.97 19.32
N LYS C 178 -12.71 -21.12 20.42
CA LYS C 178 -13.18 -20.70 21.75
C LYS C 178 -12.04 -20.12 22.58
N ALA C 179 -12.38 -19.55 23.73
CA ALA C 179 -11.39 -18.94 24.63
C ALA C 179 -10.32 -19.93 25.07
N GLY C 180 -9.06 -19.49 25.01
CA GLY C 180 -7.92 -20.35 25.34
C GLY C 180 -7.19 -20.87 24.12
N ASP C 181 -7.88 -20.90 22.97
CA ASP C 181 -7.30 -21.38 21.72
C ASP C 181 -6.20 -20.47 21.20
N LYS C 182 -5.10 -21.08 20.76
CA LYS C 182 -4.00 -20.35 20.13
C LYS C 182 -4.22 -20.33 18.63
N VAL C 183 -4.05 -19.16 18.03
CA VAL C 183 -4.17 -19.02 16.57
C VAL C 183 -2.89 -18.43 15.97
N ASN C 184 -2.65 -18.76 14.70
CA ASN C 184 -1.50 -18.21 13.98
C ASN C 184 -1.72 -16.75 13.63
N ILE C 185 -0.73 -15.90 13.90
CA ILE C 185 -0.82 -14.47 13.59
C ILE C 185 0.28 -14.03 12.62
N GLU C 186 -0.16 -13.42 11.52
CA GLU C 186 0.73 -12.73 10.59
C GLU C 186 0.26 -11.28 10.48
N ILE C 187 1.15 -10.35 10.82
CA ILE C 187 0.84 -8.92 10.71
C ILE C 187 0.97 -8.46 9.25
N ASP C 188 0.23 -7.42 8.89
CA ASP C 188 0.21 -6.96 7.48
C ASP C 188 1.48 -6.19 7.11
N GLN C 189 1.58 -5.80 5.83
CA GLN C 189 2.81 -5.20 5.29
C GLN C 189 3.26 -3.93 6.00
N LEU C 190 2.32 -3.02 6.27
CA LEU C 190 2.64 -1.79 7.00
C LEU C 190 3.10 -2.07 8.43
N ALA C 191 2.47 -3.05 9.08
CA ALA C 191 2.87 -3.47 10.42
C ALA C 191 4.26 -4.09 10.42
N ARG C 192 4.52 -4.95 9.43
CA ARG C 192 5.83 -5.58 9.25
C ARG C 192 6.91 -4.54 9.03
N TYR C 193 6.60 -3.53 8.21
CA TYR C 193 7.52 -2.43 7.93
C TYR C 193 7.82 -1.60 9.19
N ALA C 194 6.79 -1.28 9.96
CA ALA C 194 6.94 -0.55 11.21
C ALA C 194 7.75 -1.35 12.23
N ALA C 195 7.53 -2.66 12.26
CA ALA C 195 8.26 -3.58 13.14
C ALA C 195 9.73 -3.69 12.76
N ARG C 196 10.01 -3.62 11.47
CA ARG C 196 11.37 -3.68 10.95
C ARG C 196 12.18 -2.45 11.32
N LEU C 197 11.57 -1.27 11.16
CA LEU C 197 12.23 0.00 11.44
C LEU C 197 12.48 0.23 12.93
N ALA C 198 11.59 -0.29 13.77
CA ALA C 198 11.73 -0.19 15.22
C ALA C 198 12.83 -1.12 15.75
N GLN C 199 12.95 -2.30 15.14
CA GLN C 199 13.97 -3.27 15.53
C GLN C 199 15.24 -3.11 14.71
#